data_4JBM
#
_entry.id   4JBM
#
_cell.length_a   111.020
_cell.length_b   39.120
_cell.length_c   137.877
_cell.angle_alpha   90.00
_cell.angle_beta   110.64
_cell.angle_gamma   90.00
#
_symmetry.space_group_name_H-M   'C 1 2 1'
#
loop_
_entity.id
_entity.type
_entity.pdbx_description
1 polymer 'Interferon-inducible protein AIM2'
2 polymer "DNA (5'-D(*GP*GP*CP*GP*CP*GP*CP*GP*CP*GP*CP*C)-3')"
3 water water
#
loop_
_entity_poly.entity_id
_entity_poly.type
_entity_poly.pdbx_seq_one_letter_code
_entity_poly.pdbx_strand_id
1 'polypeptide(L)'
;MDPLVVTVLKAINPFECETQEGRQEIFHATVATETDFFFVKVLNAQFKDKFIPKRTIKISNYLWHSNFMEVTSSSVVVDV
ESNHEVPNNVVKRARETPRISKLKIQPCGTIVNGLFKVQKITEEKDRVLYGIHDKTGTMEVLVLGNPSKTKCEEGDKIRL
TFFEVSKNGVKIQLKSGPCSFFKVIKAAKPKTD
;
A,B
2 'polydeoxyribonucleotide' (DG)(DG)(DC)(DG)(DC)(DG)(DC)(DG)(DC)(DG)(DC)(DC) T,R
#
loop_
_chem_comp.id
_chem_comp.type
_chem_comp.name
_chem_comp.formula
DC DNA linking 2'-DEOXYCYTIDINE-5'-MONOPHOSPHATE 'C9 H14 N3 O7 P'
DG DNA linking 2'-DEOXYGUANOSINE-5'-MONOPHOSPHATE 'C10 H14 N5 O7 P'
#
# COMPACT_ATOMS: atom_id res chain seq x y z
N MET A 1 25.52 8.57 22.14
CA MET A 1 26.12 8.83 23.45
C MET A 1 25.07 8.72 24.56
N ASP A 2 24.50 9.86 24.93
CA ASP A 2 23.53 9.95 26.03
C ASP A 2 22.27 9.14 25.71
N PRO A 3 21.42 8.88 26.73
CA PRO A 3 20.21 8.12 26.43
C PRO A 3 19.40 8.71 25.29
N LEU A 4 18.79 7.82 24.51
CA LEU A 4 18.06 8.20 23.32
C LEU A 4 16.65 7.60 23.35
N VAL A 5 15.64 8.43 23.23
CA VAL A 5 14.27 7.97 23.14
C VAL A 5 13.94 7.68 21.69
N VAL A 6 13.52 6.45 21.41
CA VAL A 6 13.18 6.04 20.05
C VAL A 6 11.82 5.33 20.06
N THR A 7 11.19 5.33 18.89
CA THR A 7 9.95 4.62 18.66
C THR A 7 10.29 3.37 17.86
N VAL A 8 9.83 2.20 18.31
CA VAL A 8 10.14 0.97 17.58
C VAL A 8 9.19 0.80 16.38
N LEU A 9 9.78 0.56 15.22
CA LEU A 9 9.07 0.46 13.94
C LEU A 9 8.95 -0.98 13.46
N LYS A 10 9.99 -1.78 13.69
CA LYS A 10 10.01 -3.19 13.27
C LYS A 10 10.97 -3.97 14.16
N ALA A 11 10.66 -5.24 14.40
CA ALA A 11 11.55 -6.12 15.16
C ALA A 11 11.24 -7.59 14.86
N ILE A 12 12.25 -8.34 14.44
CA ILE A 12 12.08 -9.77 14.20
C ILE A 12 12.28 -10.57 15.49
N ASN A 13 11.68 -11.76 15.55
CA ASN A 13 11.92 -12.64 16.69
C ASN A 13 13.35 -13.17 16.67
N PRO A 14 13.96 -13.30 17.84
CA PRO A 14 15.37 -13.69 17.96
C PRO A 14 15.67 -15.05 17.33
N PHE A 15 16.87 -15.16 16.76
CA PHE A 15 17.32 -16.38 16.13
C PHE A 15 18.75 -16.59 16.57
N GLU A 16 19.22 -17.84 16.55
CA GLU A 16 20.58 -18.08 16.99
C GLU A 16 21.54 -17.59 15.92
N CYS A 17 22.52 -16.81 16.36
CA CYS A 17 23.53 -16.27 15.46
C CYS A 17 24.89 -16.58 16.07
N GLU A 18 25.97 -16.26 15.36
CA GLU A 18 27.31 -16.44 15.92
C GLU A 18 27.71 -15.26 16.78
N GLY A 22 31.04 -15.27 21.10
CA GLY A 22 30.69 -16.41 20.27
C GLY A 22 29.30 -16.93 20.59
N ARG A 23 28.69 -17.59 19.60
CA ARG A 23 27.34 -18.16 19.72
C ARG A 23 26.42 -17.29 20.58
N GLN A 24 26.13 -16.08 20.08
CA GLN A 24 25.21 -15.16 20.75
C GLN A 24 23.84 -15.33 20.14
N GLU A 25 22.81 -15.26 20.96
CA GLU A 25 21.45 -15.18 20.43
C GLU A 25 21.08 -13.71 20.29
N ILE A 26 20.66 -13.29 19.10
CA ILE A 26 20.43 -11.87 18.85
C ILE A 26 19.18 -11.63 18.02
N PHE A 27 18.82 -10.35 17.91
CA PHE A 27 17.82 -9.96 16.93
C PHE A 27 18.07 -8.57 16.36
N HIS A 28 17.31 -8.24 15.33
CA HIS A 28 17.42 -6.95 14.66
C HIS A 28 16.10 -6.20 14.71
N ALA A 29 16.19 -4.89 14.81
CA ALA A 29 15.02 -4.05 14.87
C ALA A 29 15.26 -2.75 14.12
N THR A 30 14.20 -2.03 13.81
CA THR A 30 14.32 -0.69 13.24
C THR A 30 13.64 0.25 14.18
N VAL A 31 14.31 1.33 14.54
CA VAL A 31 13.70 2.30 15.45
C VAL A 31 13.86 3.68 14.83
N ALA A 32 13.14 4.66 15.36
CA ALA A 32 13.16 5.99 14.77
C ALA A 32 12.97 7.07 15.81
N THR A 33 13.61 8.21 15.56
CA THR A 33 13.33 9.41 16.32
C THR A 33 12.38 10.24 15.48
N GLU A 34 12.18 11.50 15.85
CA GLU A 34 11.29 12.38 15.12
C GLU A 34 11.94 12.87 13.83
N THR A 35 13.22 12.55 13.63
CA THR A 35 13.96 13.09 12.49
C THR A 35 14.41 12.01 11.53
N ASP A 36 14.77 10.85 12.06
CA ASP A 36 15.31 9.78 11.22
C ASP A 36 15.10 8.40 11.86
N PHE A 37 15.52 7.38 11.14
CA PHE A 37 15.44 6.02 11.65
C PHE A 37 16.86 5.41 11.61
N PHE A 38 17.05 4.37 12.40
CA PHE A 38 18.25 3.55 12.25
C PHE A 38 17.92 2.13 12.65
N PHE A 39 18.76 1.20 12.22
CA PHE A 39 18.60 -0.20 12.56
C PHE A 39 19.39 -0.48 13.82
N VAL A 40 18.87 -1.36 14.66
CA VAL A 40 19.56 -1.74 15.88
C VAL A 40 19.78 -3.25 15.92
N LYS A 41 21.02 -3.62 16.19
CA LYS A 41 21.38 -5.00 16.47
C LYS A 41 21.41 -5.16 17.97
N VAL A 42 20.48 -5.94 18.50
CA VAL A 42 20.53 -6.13 19.92
C VAL A 42 21.13 -7.49 20.27
N LEU A 43 22.33 -7.44 20.81
CA LEU A 43 23.03 -8.64 21.22
C LEU A 43 22.21 -9.34 22.29
N ASN A 44 21.57 -8.55 23.14
CA ASN A 44 21.01 -9.06 24.39
C ASN A 44 19.90 -10.11 24.36
N ALA A 45 18.94 -10.01 23.47
CA ALA A 45 17.92 -11.05 23.36
C ALA A 45 16.87 -11.01 24.43
N GLN A 46 17.27 -10.76 25.66
CA GLN A 46 16.31 -10.64 26.72
C GLN A 46 15.41 -9.46 26.38
N PHE A 47 16.00 -8.49 25.69
CA PHE A 47 15.44 -7.19 25.40
C PHE A 47 14.24 -7.22 24.46
N LYS A 48 13.91 -8.38 23.91
CA LYS A 48 12.89 -8.48 22.88
C LYS A 48 11.53 -8.02 23.35
N ASP A 49 11.20 -8.30 24.59
CA ASP A 49 9.89 -7.94 25.16
C ASP A 49 9.64 -6.43 25.19
N LYS A 50 10.69 -5.65 24.97
CA LYS A 50 10.61 -4.20 25.02
C LYS A 50 10.58 -3.63 23.60
N PHE A 51 10.98 -4.45 22.65
CA PHE A 51 11.03 -4.07 21.24
C PHE A 51 9.80 -4.52 20.45
N ILE A 52 8.69 -3.83 20.66
CA ILE A 52 7.48 -4.11 19.90
C ILE A 52 7.04 -2.84 19.17
N PRO A 53 6.62 -2.97 17.90
CA PRO A 53 6.31 -1.80 17.08
C PRO A 53 5.37 -0.84 17.79
N LYS A 54 5.62 0.47 17.61
CA LYS A 54 4.79 1.54 18.19
C LYS A 54 5.06 1.86 19.66
N ARG A 55 5.84 1.01 20.33
CA ARG A 55 6.19 1.29 21.72
C ARG A 55 7.33 2.30 21.74
N THR A 56 7.41 3.09 22.80
CA THR A 56 8.49 4.07 22.93
C THR A 56 9.46 3.60 23.98
N ILE A 57 10.74 3.58 23.63
CA ILE A 57 11.77 3.08 24.55
C ILE A 57 12.92 4.05 24.69
N LYS A 58 13.56 4.02 25.85
CA LYS A 58 14.74 4.83 26.12
C LYS A 58 15.94 3.89 26.24
N ILE A 59 16.98 4.18 25.47
CA ILE A 59 18.12 3.28 25.38
C ILE A 59 19.38 4.03 25.82
N SER A 60 20.07 3.45 26.80
CA SER A 60 21.29 4.06 27.34
C SER A 60 22.43 3.04 27.35
N ASN A 61 23.66 3.54 27.31
CA ASN A 61 24.87 2.69 27.32
C ASN A 61 24.92 1.77 26.11
N TYR A 62 24.98 2.37 24.92
CA TYR A 62 24.96 1.61 23.67
C TYR A 62 26.15 2.00 22.82
N LEU A 63 26.47 1.18 21.82
CA LEU A 63 27.51 1.53 20.89
C LEU A 63 26.88 2.07 19.63
N TRP A 64 27.54 3.05 19.03
CA TRP A 64 27.12 3.58 17.74
C TRP A 64 28.31 3.61 16.81
N HIS A 65 28.24 2.79 15.78
CA HIS A 65 29.31 2.62 14.83
C HIS A 65 29.09 3.56 13.67
N SER A 66 29.71 3.29 12.55
CA SER A 66 29.46 4.08 11.35
C SER A 66 28.02 3.98 10.78
N ASN A 67 27.40 2.81 10.76
CA ASN A 67 26.04 2.67 10.23
C ASN A 67 24.87 2.31 11.16
N PHE A 68 25.09 1.50 12.19
CA PHE A 68 23.97 1.05 13.01
C PHE A 68 24.18 1.31 14.50
N MET A 69 23.28 0.77 15.32
CA MET A 69 23.41 0.91 16.76
C MET A 69 23.38 -0.46 17.40
N GLU A 70 24.35 -0.70 18.28
CA GLU A 70 24.49 -1.98 18.95
C GLU A 70 24.00 -1.88 20.39
N VAL A 71 23.11 -2.78 20.75
CA VAL A 71 22.55 -2.83 22.11
C VAL A 71 22.96 -4.12 22.81
N THR A 72 23.74 -3.99 23.87
CA THR A 72 24.26 -5.15 24.62
C THR A 72 23.60 -5.37 25.98
N SER A 73 23.99 -6.43 26.66
CA SER A 73 23.47 -6.73 27.99
C SER A 73 23.93 -5.68 29.00
N SER A 74 24.92 -4.90 28.60
CA SER A 74 25.41 -3.79 29.41
C SER A 74 24.50 -2.58 29.23
N SER A 75 23.73 -2.57 28.14
CA SER A 75 22.85 -1.46 27.82
C SER A 75 21.61 -1.49 28.70
N VAL A 76 20.94 -0.35 28.78
CA VAL A 76 19.69 -0.26 29.53
C VAL A 76 18.59 0.12 28.55
N VAL A 77 17.55 -0.69 28.50
CA VAL A 77 16.39 -0.40 27.67
C VAL A 77 15.18 -0.29 28.58
N VAL A 78 14.60 0.90 28.69
CA VAL A 78 13.49 1.06 29.60
C VAL A 78 12.29 1.53 28.78
N ASP A 79 11.15 0.86 28.94
CA ASP A 79 9.93 1.31 28.27
C ASP A 79 9.48 2.61 28.93
N VAL A 80 9.19 3.61 28.11
CA VAL A 80 8.78 4.91 28.63
C VAL A 80 7.60 5.48 27.87
N GLU A 81 6.84 6.35 28.50
CA GLU A 81 5.75 7.03 27.83
C GLU A 81 6.27 8.35 27.23
N SER A 82 6.05 8.55 25.94
CA SER A 82 6.55 9.74 25.26
C SER A 82 5.48 10.35 24.36
N ASN A 83 5.60 11.65 24.09
CA ASN A 83 4.71 12.31 23.13
C ASN A 83 5.31 12.31 21.73
N HIS A 84 6.43 11.64 21.55
CA HIS A 84 7.07 11.61 20.23
C HIS A 84 6.22 10.89 19.21
N GLU A 85 6.22 11.45 18.01
CA GLU A 85 5.55 10.85 16.87
C GLU A 85 6.50 10.84 15.69
N VAL A 86 6.57 9.70 15.01
CA VAL A 86 7.43 9.59 13.86
C VAL A 86 6.67 10.06 12.64
N PRO A 87 7.23 11.03 11.90
CA PRO A 87 6.64 11.48 10.62
C PRO A 87 6.39 10.31 9.67
N ASN A 88 5.35 10.40 8.86
CA ASN A 88 5.01 9.31 7.95
C ASN A 88 6.14 8.86 7.03
N ASN A 89 6.87 9.81 6.47
CA ASN A 89 7.88 9.46 5.49
C ASN A 89 9.15 8.89 6.10
N VAL A 90 9.38 9.19 7.38
CA VAL A 90 10.48 8.57 8.12
C VAL A 90 10.19 7.09 8.28
N VAL A 91 8.96 6.76 8.66
CA VAL A 91 8.52 5.35 8.72
C VAL A 91 8.63 4.67 7.36
N LYS A 92 8.10 5.35 6.34
CA LYS A 92 8.12 4.83 4.98
C LYS A 92 9.54 4.57 4.52
N ARG A 93 10.48 5.48 4.80
CA ARG A 93 11.85 5.25 4.35
C ARG A 93 12.54 4.16 5.17
N ALA A 94 12.19 4.09 6.45
CA ALA A 94 12.78 3.11 7.35
C ALA A 94 12.45 1.71 6.89
N ARG A 95 11.25 1.57 6.33
CA ARG A 95 10.77 0.27 5.92
C ARG A 95 11.05 -0.09 4.46
N GLU A 96 11.43 0.89 3.65
CA GLU A 96 11.52 0.60 2.21
C GLU A 96 12.88 0.00 1.82
N THR A 97 12.85 -0.81 0.78
CA THR A 97 14.04 -1.45 0.22
C THR A 97 14.79 -0.45 -0.66
N PRO A 98 16.05 -0.16 -0.30
CA PRO A 98 16.82 0.84 -1.04
C PRO A 98 17.04 0.43 -2.50
N ARG A 99 17.12 1.40 -3.41
CA ARG A 99 17.45 1.12 -4.81
C ARG A 99 18.95 0.75 -4.94
N ILE A 100 19.30 0.00 -5.98
CA ILE A 100 20.69 -0.40 -6.20
C ILE A 100 21.65 0.77 -6.48
N SER A 101 21.23 1.72 -7.32
CA SER A 101 22.02 2.90 -7.61
C SER A 101 22.29 3.74 -6.37
N LYS A 102 21.38 3.68 -5.40
CA LYS A 102 21.58 4.38 -4.14
C LYS A 102 22.57 3.59 -3.30
N LEU A 103 22.43 2.27 -3.30
CA LEU A 103 23.28 1.41 -2.50
C LEU A 103 24.74 1.51 -2.94
N LYS A 104 24.95 1.76 -4.24
CA LYS A 104 26.30 1.79 -4.82
C LYS A 104 27.24 2.79 -4.15
N ILE A 105 26.68 3.84 -3.58
CA ILE A 105 27.46 4.93 -3.02
C ILE A 105 27.44 4.98 -1.49
N GLN A 106 27.25 3.81 -0.87
CA GLN A 106 27.24 3.74 0.57
C GLN A 106 28.53 3.08 1.07
N PRO A 107 29.05 3.52 2.23
CA PRO A 107 30.24 2.92 2.86
C PRO A 107 30.11 1.42 3.12
N CYS A 108 31.24 0.72 3.18
CA CYS A 108 31.23 -0.69 3.58
C CYS A 108 30.75 -0.75 5.02
N GLY A 109 30.11 -1.84 5.40
CA GLY A 109 29.53 -1.91 6.73
C GLY A 109 28.14 -1.30 6.83
N THR A 110 27.72 -0.49 5.84
CA THR A 110 26.34 0.05 5.87
C THR A 110 25.35 -1.09 5.92
N ILE A 111 24.44 -1.02 6.88
CA ILE A 111 23.46 -2.08 7.02
C ILE A 111 22.39 -1.95 5.93
N VAL A 112 22.06 -3.08 5.33
CA VAL A 112 21.06 -3.14 4.29
C VAL A 112 20.06 -4.24 4.63
N ASN A 113 18.79 -3.88 4.66
CA ASN A 113 17.69 -4.84 4.72
C ASN A 113 16.82 -4.58 3.49
N GLY A 114 16.02 -5.55 3.07
CA GLY A 114 15.15 -5.33 1.93
C GLY A 114 14.78 -6.58 1.15
N LEU A 115 14.01 -6.36 0.09
CA LEU A 115 13.47 -7.43 -0.74
C LEU A 115 13.97 -7.22 -2.15
N PHE A 116 14.63 -8.23 -2.72
CA PHE A 116 15.30 -8.04 -3.98
C PHE A 116 14.99 -9.12 -5.01
N LYS A 117 14.68 -8.68 -6.23
CA LYS A 117 14.49 -9.60 -7.34
C LYS A 117 15.86 -10.11 -7.77
N VAL A 118 15.95 -11.42 -7.95
CA VAL A 118 17.16 -12.05 -8.46
C VAL A 118 17.01 -12.58 -9.88
N GLN A 119 17.96 -12.20 -10.74
CA GLN A 119 18.03 -12.70 -12.11
C GLN A 119 18.98 -13.90 -12.28
N LYS A 120 20.14 -13.89 -11.61
CA LYS A 120 21.08 -15.03 -11.71
C LYS A 120 21.70 -15.51 -10.39
N ILE A 121 22.01 -16.81 -10.34
CA ILE A 121 22.54 -17.48 -9.16
C ILE A 121 23.84 -18.25 -9.47
N THR A 122 24.99 -17.71 -9.06
CA THR A 122 26.25 -18.43 -9.26
C THR A 122 26.54 -19.28 -8.03
N GLU A 123 26.33 -20.58 -8.15
CA GLU A 123 26.45 -21.54 -7.06
C GLU A 123 27.88 -22.06 -6.80
N GLU A 124 28.23 -22.18 -5.52
CA GLU A 124 29.49 -22.81 -5.07
C GLU A 124 29.26 -23.37 -3.66
N LYS A 125 29.98 -24.43 -3.30
CA LYS A 125 29.78 -25.10 -2.00
C LYS A 125 30.23 -24.25 -0.80
N ASP A 126 30.94 -23.17 -1.08
CA ASP A 126 31.41 -22.26 -0.04
C ASP A 126 30.69 -20.90 -0.07
N ARG A 127 30.11 -20.55 -1.21
CA ARG A 127 29.40 -19.29 -1.32
C ARG A 127 28.41 -19.33 -2.47
N VAL A 128 27.40 -18.47 -2.39
CA VAL A 128 26.45 -18.27 -3.46
C VAL A 128 26.39 -16.79 -3.81
N LEU A 129 26.47 -16.49 -5.10
CA LEU A 129 26.41 -15.11 -5.57
C LEU A 129 25.07 -14.92 -6.26
N TYR A 130 24.32 -13.92 -5.82
CA TYR A 130 23.01 -13.68 -6.37
C TYR A 130 23.03 -12.39 -7.19
N GLY A 131 22.78 -12.52 -8.49
CA GLY A 131 22.64 -11.34 -9.31
C GLY A 131 21.26 -10.78 -9.01
N ILE A 132 21.22 -9.58 -8.44
CA ILE A 132 19.95 -8.94 -8.14
C ILE A 132 19.79 -7.72 -9.01
N HIS A 133 18.53 -7.31 -9.22
CA HIS A 133 18.26 -6.19 -10.12
C HIS A 133 17.02 -5.38 -9.78
N ASP A 134 17.09 -4.09 -10.11
CA ASP A 134 15.92 -3.23 -10.16
C ASP A 134 16.08 -2.31 -11.37
N LYS A 135 15.28 -1.26 -11.47
CA LYS A 135 15.37 -0.37 -12.63
C LYS A 135 16.59 0.55 -12.63
N THR A 136 17.34 0.57 -11.53
CA THR A 136 18.45 1.52 -11.38
C THR A 136 19.83 0.89 -11.66
N GLY A 137 19.86 -0.43 -11.81
CA GLY A 137 21.10 -1.13 -12.06
C GLY A 137 21.07 -2.59 -11.63
N THR A 138 22.23 -3.23 -11.71
CA THR A 138 22.39 -4.61 -11.27
C THR A 138 23.42 -4.65 -10.15
N MET A 139 23.36 -5.70 -9.34
CA MET A 139 24.29 -5.81 -8.22
C MET A 139 24.42 -7.26 -7.83
N GLU A 140 25.39 -7.56 -6.97
CA GLU A 140 25.61 -8.93 -6.55
C GLU A 140 25.47 -9.07 -5.03
N VAL A 141 24.90 -10.18 -4.60
CA VAL A 141 24.69 -10.39 -3.18
C VAL A 141 25.40 -11.64 -2.81
N LEU A 142 26.42 -11.48 -1.96
CA LEU A 142 27.32 -12.56 -1.61
C LEU A 142 26.89 -13.22 -0.31
N VAL A 143 26.44 -14.46 -0.40
CA VAL A 143 26.06 -15.20 0.80
C VAL A 143 27.12 -16.28 1.01
N LEU A 144 27.94 -16.15 2.04
CA LEU A 144 28.95 -17.17 2.31
C LEU A 144 28.41 -18.43 2.96
N GLY A 145 29.03 -19.54 2.63
CA GLY A 145 28.75 -20.81 3.27
C GLY A 145 27.39 -21.51 3.36
N ASN A 146 26.75 -21.81 2.24
CA ASN A 146 25.55 -22.63 2.30
C ASN A 146 25.27 -23.34 0.96
N PRO A 147 24.40 -24.35 0.94
CA PRO A 147 23.94 -24.89 -0.36
C PRO A 147 23.09 -23.94 -1.26
N SER A 148 22.11 -23.18 -0.77
CA SER A 148 21.63 -23.15 0.61
C SER A 148 20.49 -24.14 0.71
N LYS A 149 19.79 -24.13 1.84
CA LYS A 149 18.63 -24.98 2.00
C LYS A 149 17.49 -24.23 1.36
N THR A 150 17.70 -22.92 1.29
CA THR A 150 16.79 -22.00 0.62
C THR A 150 17.14 -21.96 -0.87
N LYS A 151 16.61 -22.91 -1.63
CA LYS A 151 16.88 -22.98 -3.06
C LYS A 151 16.09 -21.93 -3.84
N CYS A 152 16.82 -21.02 -4.45
CA CYS A 152 16.23 -19.90 -5.15
C CYS A 152 16.43 -20.03 -6.67
N GLU A 153 15.33 -19.94 -7.42
CA GLU A 153 15.41 -20.00 -8.88
C GLU A 153 15.30 -18.57 -9.42
N GLU A 154 15.63 -18.38 -10.70
CA GLU A 154 15.47 -17.07 -11.31
C GLU A 154 14.00 -16.64 -11.29
N GLY A 155 13.77 -15.37 -10.96
CA GLY A 155 12.42 -14.83 -10.87
C GLY A 155 11.93 -14.81 -9.44
N ASP A 156 12.68 -15.48 -8.57
CA ASP A 156 12.36 -15.43 -7.15
C ASP A 156 12.90 -14.15 -6.54
N LYS A 157 12.68 -14.00 -5.24
CA LYS A 157 13.20 -12.86 -4.52
C LYS A 157 13.96 -13.35 -3.30
N ILE A 158 14.89 -12.52 -2.84
CA ILE A 158 15.59 -12.76 -1.60
C ILE A 158 15.31 -11.63 -0.64
N ARG A 159 14.93 -11.98 0.58
CA ARG A 159 14.74 -11.01 1.65
C ARG A 159 16.00 -11.03 2.51
N LEU A 160 16.70 -9.91 2.50
CA LEU A 160 17.96 -9.70 3.21
C LEU A 160 17.71 -8.94 4.51
N THR A 161 18.29 -9.42 5.60
CA THR A 161 18.26 -8.70 6.88
C THR A 161 19.69 -8.54 7.41
N PHE A 162 20.13 -7.30 7.62
CA PHE A 162 21.47 -7.00 8.10
C PHE A 162 22.59 -7.50 7.18
N PHE A 163 22.47 -7.25 5.89
CA PHE A 163 23.60 -7.50 5.02
C PHE A 163 24.38 -6.22 5.03
N GLU A 164 25.60 -6.23 4.48
CA GLU A 164 26.38 -5.00 4.48
C GLU A 164 26.81 -4.67 3.06
N VAL A 165 26.91 -3.39 2.74
CA VAL A 165 27.54 -3.02 1.48
C VAL A 165 29.02 -3.39 1.63
N SER A 166 29.60 -3.95 0.58
CA SER A 166 30.95 -4.48 0.66
C SER A 166 31.71 -4.09 -0.60
N LYS A 167 33.01 -3.86 -0.45
CA LYS A 167 33.86 -3.68 -1.61
C LYS A 167 34.61 -4.98 -1.87
N ASN A 168 34.72 -5.36 -3.13
CA ASN A 168 35.56 -6.47 -3.50
C ASN A 168 36.36 -6.02 -4.69
N GLY A 169 37.44 -5.30 -4.44
CA GLY A 169 38.22 -4.85 -5.55
C GLY A 169 37.40 -3.96 -6.43
N VAL A 170 37.18 -4.42 -7.66
CA VAL A 170 36.51 -3.67 -8.69
C VAL A 170 35.05 -3.31 -8.38
N LYS A 171 34.28 -4.27 -7.86
CA LYS A 171 32.84 -4.09 -7.70
C LYS A 171 32.36 -4.00 -6.25
N ILE A 172 31.21 -3.34 -6.09
CA ILE A 172 30.58 -3.17 -4.79
C ILE A 172 29.37 -4.09 -4.73
N GLN A 173 29.34 -4.95 -3.71
CA GLN A 173 28.31 -5.97 -3.63
C GLN A 173 27.59 -5.85 -2.30
N LEU A 174 26.69 -6.79 -2.04
CA LEU A 174 26.07 -6.89 -0.73
C LEU A 174 26.57 -8.20 -0.16
N LYS A 175 27.04 -8.14 1.08
CA LYS A 175 27.69 -9.28 1.71
C LYS A 175 26.92 -9.70 2.94
N SER A 176 26.71 -11.01 3.06
CA SER A 176 26.19 -11.60 4.29
C SER A 176 27.27 -11.54 5.36
N GLY A 177 26.86 -11.31 6.60
CA GLY A 177 27.77 -11.40 7.72
C GLY A 177 27.34 -12.56 8.60
N PRO A 178 28.02 -12.75 9.73
CA PRO A 178 27.74 -13.82 10.69
C PRO A 178 26.35 -13.70 11.29
N CYS A 179 25.88 -12.47 11.51
CA CYS A 179 24.57 -12.25 12.11
C CYS A 179 23.56 -11.72 11.10
N SER A 180 23.78 -11.99 9.82
CA SER A 180 22.79 -11.66 8.80
C SER A 180 21.68 -12.70 8.80
N PHE A 181 20.50 -12.30 8.36
CA PHE A 181 19.42 -13.24 8.10
C PHE A 181 19.17 -13.23 6.59
N PHE A 182 18.88 -14.39 6.02
CA PHE A 182 18.65 -14.48 4.59
C PHE A 182 17.46 -15.39 4.37
N LYS A 183 16.55 -15.00 3.48
CA LYS A 183 15.39 -15.83 3.18
C LYS A 183 15.05 -15.81 1.69
N VAL A 184 14.66 -16.95 1.15
CA VAL A 184 14.24 -17.01 -0.25
C VAL A 184 12.72 -16.90 -0.31
N ILE A 185 12.24 -15.93 -1.08
CA ILE A 185 10.81 -15.73 -1.29
C ILE A 185 10.50 -16.20 -2.69
N LYS A 186 9.82 -17.34 -2.79
CA LYS A 186 9.61 -17.98 -4.08
C LYS A 186 8.46 -17.35 -4.85
N ALA A 187 8.67 -17.13 -6.14
CA ALA A 187 7.59 -16.72 -7.01
C ALA A 187 6.51 -17.79 -6.94
N ALA A 188 5.25 -17.37 -7.00
CA ALA A 188 4.15 -18.33 -6.91
C ALA A 188 4.06 -19.23 -8.15
N LYS A 189 3.79 -20.50 -7.91
CA LYS A 189 3.57 -21.49 -8.95
C LYS A 189 2.12 -21.40 -9.45
N PRO A 190 1.93 -21.04 -10.73
CA PRO A 190 0.58 -21.23 -11.28
C PRO A 190 0.13 -22.68 -11.09
N LYS A 191 -1.14 -22.86 -10.75
CA LYS A 191 -1.65 -24.14 -10.30
C LYS A 191 -2.56 -24.76 -11.35
N THR A 192 -3.17 -25.88 -10.97
CA THR A 192 -3.95 -26.72 -11.86
C THR A 192 -5.40 -26.80 -11.37
N ASP A 193 -6.08 -25.64 -11.36
CA ASP A 193 -7.41 -25.48 -10.77
C ASP A 193 -7.50 -26.04 -9.35
N MET B 1 -31.74 14.45 7.54
CA MET B 1 -32.21 15.45 8.50
C MET B 1 -31.30 16.68 8.46
N ASP B 2 -30.36 16.73 9.39
CA ASP B 2 -29.46 17.85 9.60
C ASP B 2 -28.39 18.05 8.51
N PRO B 3 -27.79 19.25 8.47
CA PRO B 3 -26.59 19.50 7.65
C PRO B 3 -25.52 18.45 7.97
N LEU B 4 -24.64 18.15 7.01
CA LEU B 4 -23.73 17.04 7.21
C LEU B 4 -22.29 17.51 7.12
N VAL B 5 -21.54 17.29 8.20
CA VAL B 5 -20.11 17.55 8.18
C VAL B 5 -19.40 16.26 7.78
N VAL B 6 -18.67 16.32 6.68
CA VAL B 6 -17.94 15.19 6.18
C VAL B 6 -16.51 15.62 5.87
N THR B 7 -15.59 14.66 5.89
CA THR B 7 -14.23 14.91 5.51
C THR B 7 -14.09 14.38 4.09
N VAL B 8 -13.51 15.18 3.19
CA VAL B 8 -13.31 14.72 1.82
C VAL B 8 -12.04 13.89 1.69
N LEU B 9 -12.18 12.72 1.07
CA LEU B 9 -11.08 11.76 0.97
C LEU B 9 -10.52 11.79 -0.43
N LYS B 10 -11.40 12.05 -1.39
CA LYS B 10 -11.04 12.08 -2.81
C LYS B 10 -11.91 13.06 -3.57
N ALA B 11 -11.32 13.73 -4.55
CA ALA B 11 -12.06 14.59 -5.47
C ALA B 11 -11.28 14.81 -6.76
N ILE B 12 -11.91 14.46 -7.88
CA ILE B 12 -11.31 14.69 -9.19
C ILE B 12 -11.62 16.09 -9.69
N ASN B 13 -10.77 16.60 -10.59
CA ASN B 13 -11.02 17.90 -11.21
C ASN B 13 -12.26 17.88 -12.08
N PRO B 14 -12.97 19.02 -12.11
CA PRO B 14 -14.23 19.06 -12.85
C PRO B 14 -14.04 18.74 -14.33
N PHE B 15 -14.98 17.99 -14.90
CA PHE B 15 -14.95 17.58 -16.28
C PHE B 15 -16.37 17.72 -16.80
N GLU B 16 -16.51 17.80 -18.12
CA GLU B 16 -17.81 17.91 -18.76
C GLU B 16 -18.54 16.57 -18.91
N CYS B 17 -19.85 16.57 -18.65
CA CYS B 17 -20.66 15.38 -18.80
C CYS B 17 -21.84 15.68 -19.70
N GLU B 18 -21.73 15.29 -20.97
CA GLU B 18 -22.77 15.51 -21.98
C GLU B 18 -23.86 14.45 -21.92
N THR B 19 -25.06 14.85 -21.49
CA THR B 19 -26.21 13.97 -21.49
C THR B 19 -27.39 14.70 -22.14
N GLN B 20 -28.55 14.05 -22.12
CA GLN B 20 -29.80 14.77 -22.36
C GLN B 20 -29.88 15.78 -21.21
N GLU B 21 -30.46 16.94 -21.47
CA GLU B 21 -30.67 18.00 -20.47
C GLU B 21 -29.41 18.71 -19.93
N GLY B 22 -28.26 18.55 -20.60
CA GLY B 22 -27.13 19.42 -20.33
C GLY B 22 -25.71 18.94 -20.61
N ARG B 23 -24.81 19.89 -20.84
CA ARG B 23 -23.39 19.61 -20.97
C ARG B 23 -22.70 20.43 -19.88
N GLN B 24 -22.87 19.96 -18.65
CA GLN B 24 -22.42 20.64 -17.46
C GLN B 24 -21.03 20.17 -17.06
N GLU B 25 -20.25 21.11 -16.52
CA GLU B 25 -18.96 20.74 -15.95
C GLU B 25 -19.26 20.41 -14.49
N ILE B 26 -18.88 19.21 -14.08
CA ILE B 26 -19.23 18.64 -12.77
C ILE B 26 -18.02 17.91 -12.19
N PHE B 27 -18.14 17.43 -10.96
CA PHE B 27 -17.13 16.50 -10.42
C PHE B 27 -17.66 15.39 -9.48
N HIS B 28 -16.77 14.47 -9.15
CA HIS B 28 -17.04 13.33 -8.28
C HIS B 28 -16.19 13.42 -7.02
N ALA B 29 -16.75 13.00 -5.89
CA ALA B 29 -15.95 13.00 -4.66
C ALA B 29 -16.34 11.83 -3.75
N THR B 30 -15.43 11.47 -2.85
CA THR B 30 -15.75 10.49 -1.82
C THR B 30 -15.58 11.22 -0.50
N VAL B 31 -16.58 11.12 0.37
CA VAL B 31 -16.52 11.81 1.66
C VAL B 31 -16.83 10.83 2.79
N ALA B 32 -16.56 11.23 4.02
CA ALA B 32 -16.77 10.34 5.16
C ALA B 32 -17.12 11.05 6.46
N THR B 33 -17.89 10.37 7.29
CA THR B 33 -18.07 10.75 8.67
C THR B 33 -17.17 9.85 9.50
N GLU B 34 -17.38 9.83 10.81
CA GLU B 34 -16.59 8.96 11.67
C GLU B 34 -17.08 7.52 11.59
N THR B 35 -18.22 7.33 10.94
CA THR B 35 -18.88 6.01 10.89
C THR B 35 -19.01 5.42 9.48
N ASP B 36 -19.16 6.26 8.47
CA ASP B 36 -19.37 5.76 7.11
C ASP B 36 -18.88 6.74 6.05
N PHE B 37 -18.91 6.29 4.80
CA PHE B 37 -18.53 7.11 3.66
C PHE B 37 -19.66 7.15 2.65
N PHE B 38 -19.64 8.16 1.78
CA PHE B 38 -20.53 8.16 0.62
C PHE B 38 -19.86 8.79 -0.60
N PHE B 39 -20.37 8.45 -1.77
CA PHE B 39 -19.92 9.07 -2.99
C PHE B 39 -20.85 10.24 -3.30
N VAL B 40 -20.28 11.35 -3.75
CA VAL B 40 -21.08 12.51 -4.08
C VAL B 40 -20.85 12.96 -5.50
N LYS B 41 -21.96 13.14 -6.21
CA LYS B 41 -21.99 13.75 -7.53
C LYS B 41 -22.27 15.22 -7.32
N VAL B 42 -21.34 16.06 -7.73
CA VAL B 42 -21.55 17.50 -7.61
C VAL B 42 -21.62 18.23 -8.95
N LEU B 43 -22.76 18.87 -9.16
CA LEU B 43 -23.09 19.51 -10.43
C LEU B 43 -22.61 20.96 -10.49
N ASN B 44 -22.31 21.55 -9.34
CA ASN B 44 -21.76 22.89 -9.31
C ASN B 44 -20.24 22.86 -9.21
N ALA B 45 -19.58 23.03 -10.35
CA ALA B 45 -18.14 22.91 -10.43
C ALA B 45 -17.39 24.06 -9.76
N GLN B 46 -18.07 24.79 -8.87
CA GLN B 46 -17.48 25.92 -8.19
C GLN B 46 -17.23 25.50 -6.76
N PHE B 47 -17.72 24.31 -6.41
CA PHE B 47 -17.54 23.77 -5.08
C PHE B 47 -16.15 23.13 -4.93
N LYS B 48 -15.39 23.08 -6.03
CA LYS B 48 -14.10 22.37 -6.09
C LYS B 48 -13.03 22.87 -5.11
N ASP B 49 -13.02 24.17 -4.81
CA ASP B 49 -12.04 24.73 -3.88
C ASP B 49 -12.31 24.27 -2.46
N LYS B 50 -13.53 23.74 -2.24
CA LYS B 50 -13.94 23.26 -0.94
C LYS B 50 -13.90 21.72 -0.87
N PHE B 51 -13.89 21.07 -2.04
CA PHE B 51 -13.77 19.62 -2.08
C PHE B 51 -12.33 19.21 -2.35
N ILE B 52 -11.48 19.36 -1.35
CA ILE B 52 -10.12 18.85 -1.43
C ILE B 52 -9.84 17.92 -0.27
N PRO B 53 -8.98 16.96 -0.54
CA PRO B 53 -8.78 15.84 0.36
C PRO B 53 -8.21 16.20 1.71
N LYS B 54 -8.81 15.60 2.72
CA LYS B 54 -8.45 15.73 4.11
C LYS B 54 -9.17 16.89 4.76
N ARG B 55 -9.74 17.77 3.96
CA ARG B 55 -10.49 18.87 4.53
C ARG B 55 -11.87 18.45 5.01
N THR B 56 -12.38 19.12 6.03
CA THR B 56 -13.73 18.85 6.47
C THR B 56 -14.70 19.99 6.15
N ILE B 57 -15.83 19.63 5.54
CA ILE B 57 -16.82 20.58 5.03
C ILE B 57 -18.22 20.21 5.53
N LYS B 58 -19.11 21.20 5.59
CA LYS B 58 -20.49 21.03 6.00
C LYS B 58 -21.40 21.19 4.79
N ILE B 59 -22.24 20.20 4.55
CA ILE B 59 -23.08 20.18 3.34
C ILE B 59 -24.55 20.15 3.71
N SER B 60 -25.31 21.12 3.17
CA SER B 60 -26.74 21.22 3.44
C SER B 60 -27.54 21.26 2.14
N ASN B 61 -28.79 20.83 2.22
CA ASN B 61 -29.71 20.84 1.08
C ASN B 61 -29.27 19.93 -0.07
N TYR B 62 -29.19 18.63 0.20
CA TYR B 62 -28.70 17.64 -0.77
C TYR B 62 -29.64 16.44 -0.92
N LEU B 63 -29.42 15.65 -1.97
CA LEU B 63 -30.19 14.43 -2.22
C LEU B 63 -29.39 13.22 -1.72
N TRP B 64 -30.06 12.22 -1.15
CA TRP B 64 -29.36 10.99 -0.78
C TRP B 64 -30.10 9.65 -0.81
N HIS B 65 -29.50 8.63 -1.41
CA HIS B 65 -29.91 7.23 -1.21
C HIS B 65 -28.73 6.30 -0.95
N SER B 66 -28.86 5.42 0.03
CA SER B 66 -27.81 4.45 0.23
C SER B 66 -26.48 5.15 0.44
N ASN B 67 -25.55 4.88 -0.44
CA ASN B 67 -24.22 5.44 -0.34
C ASN B 67 -23.98 6.63 -1.27
N PHE B 68 -25.08 7.27 -1.70
CA PHE B 68 -25.03 8.32 -2.71
C PHE B 68 -25.65 9.63 -2.25
N MET B 69 -24.92 10.70 -2.53
CA MET B 69 -25.35 12.06 -2.22
C MET B 69 -25.17 12.93 -3.46
N GLU B 70 -26.20 13.70 -3.82
CA GLU B 70 -26.03 14.64 -4.93
C GLU B 70 -26.02 16.07 -4.40
N VAL B 71 -25.00 16.84 -4.80
CA VAL B 71 -24.82 18.22 -4.36
C VAL B 71 -25.08 19.14 -5.54
N THR B 72 -26.11 19.97 -5.44
CA THR B 72 -26.48 20.86 -6.53
C THR B 72 -26.11 22.30 -6.20
N SER B 73 -26.36 23.22 -7.14
CA SER B 73 -26.07 24.63 -6.94
C SER B 73 -26.97 25.25 -5.87
N SER B 74 -28.06 24.56 -5.55
CA SER B 74 -28.92 24.99 -4.45
C SER B 74 -28.39 24.55 -3.09
N SER B 75 -27.44 23.61 -3.06
CA SER B 75 -26.87 23.12 -1.80
C SER B 75 -25.94 24.17 -1.22
N VAL B 76 -25.61 24.04 0.06
CA VAL B 76 -24.64 24.92 0.71
C VAL B 76 -23.47 24.14 1.31
N VAL B 77 -22.25 24.50 0.90
CA VAL B 77 -21.04 23.85 1.42
C VAL B 77 -20.10 24.84 2.11
N VAL B 78 -19.85 24.60 3.39
CA VAL B 78 -19.01 25.49 4.19
C VAL B 78 -17.77 24.78 4.73
N ASP B 79 -16.60 25.38 4.57
CA ASP B 79 -15.42 24.81 5.18
C ASP B 79 -15.62 24.94 6.69
N VAL B 80 -15.26 23.91 7.45
CA VAL B 80 -15.53 23.93 8.88
C VAL B 80 -14.25 23.60 9.63
N GLU B 81 -14.19 23.91 10.91
CA GLU B 81 -13.06 23.59 11.76
C GLU B 81 -13.04 22.10 11.99
N SER B 82 -11.84 21.51 11.94
CA SER B 82 -11.67 20.08 11.76
C SER B 82 -12.25 19.18 12.83
N ASN B 83 -12.03 19.44 14.11
CA ASN B 83 -12.65 18.54 15.06
C ASN B 83 -12.18 17.10 14.80
N HIS B 84 -13.12 16.28 14.37
CA HIS B 84 -13.02 14.83 14.19
C HIS B 84 -12.17 14.31 13.04
N GLU B 85 -11.78 13.05 13.19
CA GLU B 85 -10.82 12.38 12.33
C GLU B 85 -11.42 11.03 11.99
N VAL B 86 -11.31 10.66 10.71
CA VAL B 86 -11.98 9.47 10.22
C VAL B 86 -11.14 8.24 10.56
N PRO B 87 -11.76 7.25 11.21
CA PRO B 87 -11.06 6.01 11.52
C PRO B 87 -10.42 5.42 10.27
N ASN B 88 -9.25 4.80 10.44
CA ASN B 88 -8.53 4.27 9.31
C ASN B 88 -9.38 3.30 8.50
N ASN B 89 -10.21 2.52 9.18
CA ASN B 89 -10.99 1.51 8.49
C ASN B 89 -12.13 2.06 7.64
N VAL B 90 -12.67 3.21 8.02
CA VAL B 90 -13.69 3.87 7.20
C VAL B 90 -13.03 4.33 5.90
N VAL B 91 -11.85 4.95 6.02
CA VAL B 91 -11.09 5.34 4.84
C VAL B 91 -10.77 4.15 3.94
N LYS B 92 -10.24 3.08 4.56
CA LYS B 92 -9.86 1.90 3.81
C LYS B 92 -11.06 1.27 3.08
N ARG B 93 -12.20 1.14 3.75
CA ARG B 93 -13.39 0.60 3.08
C ARG B 93 -13.92 1.54 2.02
N ALA B 94 -13.75 2.84 2.25
CA ALA B 94 -14.21 3.86 1.32
C ALA B 94 -13.46 3.81 0.00
N ARG B 95 -12.17 3.48 0.07
CA ARG B 95 -11.31 3.48 -1.10
C ARG B 95 -11.20 2.11 -1.79
N GLU B 96 -11.67 1.06 -1.12
CA GLU B 96 -11.44 -0.31 -1.59
C GLU B 96 -12.52 -0.76 -2.59
N THR B 97 -12.15 -1.66 -3.48
CA THR B 97 -13.07 -2.22 -4.45
C THR B 97 -13.90 -3.27 -3.72
N PRO B 98 -15.20 -3.04 -3.67
CA PRO B 98 -16.11 -3.92 -2.93
C PRO B 98 -16.08 -5.34 -3.49
N ARG B 99 -16.31 -6.33 -2.63
CA ARG B 99 -16.46 -7.70 -3.12
C ARG B 99 -17.83 -7.90 -3.81
N ILE B 100 -17.86 -8.79 -4.79
CA ILE B 100 -19.06 -9.08 -5.53
C ILE B 100 -20.18 -9.64 -4.64
N SER B 101 -19.83 -10.53 -3.72
CA SER B 101 -20.82 -11.09 -2.79
C SER B 101 -21.45 -9.96 -1.97
N LYS B 102 -20.68 -8.90 -1.73
CA LYS B 102 -21.23 -7.73 -1.05
C LYS B 102 -22.12 -6.91 -1.99
N LEU B 103 -21.68 -6.77 -3.24
CA LEU B 103 -22.38 -5.94 -4.21
C LEU B 103 -23.77 -6.50 -4.53
N LYS B 104 -23.88 -7.83 -4.58
CA LYS B 104 -25.12 -8.48 -4.95
C LYS B 104 -26.28 -8.25 -3.99
N ILE B 105 -25.97 -7.96 -2.73
CA ILE B 105 -27.04 -7.77 -1.76
C ILE B 105 -27.20 -6.32 -1.31
N GLN B 106 -26.79 -5.39 -2.18
CA GLN B 106 -26.98 -3.96 -1.93
C GLN B 106 -28.14 -3.43 -2.77
N PRO B 107 -28.85 -2.42 -2.23
CA PRO B 107 -29.98 -1.77 -2.90
C PRO B 107 -29.63 -1.22 -4.29
N CYS B 108 -30.62 -1.15 -5.17
CA CYS B 108 -30.46 -0.62 -6.49
C CYS B 108 -30.15 0.86 -6.38
N GLY B 109 -29.34 1.37 -7.29
CA GLY B 109 -28.93 2.75 -7.29
C GLY B 109 -27.73 3.05 -6.41
N THR B 110 -27.29 2.05 -5.64
CA THR B 110 -26.04 2.10 -4.87
C THR B 110 -24.86 2.22 -5.81
N ILE B 111 -24.01 3.20 -5.52
CA ILE B 111 -22.85 3.54 -6.35
C ILE B 111 -21.69 2.56 -6.15
N VAL B 112 -21.05 2.19 -7.26
CA VAL B 112 -19.93 1.26 -7.25
C VAL B 112 -18.74 1.82 -8.03
N ASN B 113 -17.58 1.89 -7.39
CA ASN B 113 -16.34 2.21 -8.07
C ASN B 113 -15.40 1.06 -7.78
N GLY B 114 -14.36 0.89 -8.58
CA GLY B 114 -13.42 -0.17 -8.31
C GLY B 114 -12.70 -0.75 -9.51
N LEU B 115 -11.91 -1.78 -9.26
CA LEU B 115 -11.11 -2.44 -10.28
C LEU B 115 -11.50 -3.92 -10.28
N PHE B 116 -11.88 -4.45 -11.45
CA PHE B 116 -12.45 -5.82 -11.52
C PHE B 116 -11.84 -6.74 -12.60
N LYS B 117 -11.50 -7.97 -12.21
CA LYS B 117 -11.01 -8.97 -13.17
C LYS B 117 -12.12 -9.46 -14.08
N VAL B 118 -11.86 -9.47 -15.39
CA VAL B 118 -12.85 -9.96 -16.37
C VAL B 118 -12.50 -11.32 -16.96
N GLN B 119 -13.47 -12.21 -16.96
CA GLN B 119 -13.33 -13.52 -17.57
C GLN B 119 -13.91 -13.58 -19.00
N LYS B 120 -15.03 -12.91 -19.23
CA LYS B 120 -15.60 -12.87 -20.58
C LYS B 120 -16.09 -11.50 -21.04
N ILE B 121 -16.00 -11.27 -22.34
CA ILE B 121 -16.41 -10.02 -22.95
C ILE B 121 -17.37 -10.37 -24.09
N THR B 122 -18.67 -10.32 -23.79
CA THR B 122 -19.68 -10.64 -24.77
C THR B 122 -20.18 -9.40 -25.48
N GLU B 123 -19.76 -9.23 -26.74
CA GLU B 123 -20.12 -8.05 -27.51
C GLU B 123 -21.53 -8.22 -28.05
N GLU B 124 -22.32 -7.17 -27.89
CA GLU B 124 -23.62 -7.03 -28.53
C GLU B 124 -23.60 -5.62 -29.08
N LYS B 125 -24.40 -5.33 -30.10
CA LYS B 125 -24.30 -4.03 -30.78
C LYS B 125 -24.61 -2.79 -29.93
N ASP B 126 -25.69 -2.83 -29.17
CA ASP B 126 -26.04 -1.71 -28.29
C ASP B 126 -25.04 -1.53 -27.15
N ARG B 127 -24.67 -2.66 -26.57
CA ARG B 127 -24.08 -2.70 -25.26
C ARG B 127 -22.93 -3.68 -25.28
N VAL B 128 -21.98 -3.52 -24.37
CA VAL B 128 -20.97 -4.56 -24.19
C VAL B 128 -21.11 -5.15 -22.78
N LEU B 129 -21.11 -6.49 -22.72
CA LEU B 129 -21.31 -7.19 -21.45
C LEU B 129 -20.03 -7.86 -20.96
N TYR B 130 -19.65 -7.52 -19.73
CA TYR B 130 -18.41 -8.05 -19.14
C TYR B 130 -18.67 -8.98 -17.96
N GLY B 131 -18.28 -10.24 -18.09
CA GLY B 131 -18.34 -11.15 -16.96
C GLY B 131 -17.15 -10.85 -16.06
N ILE B 132 -17.40 -10.44 -14.83
CA ILE B 132 -16.32 -10.18 -13.89
C ILE B 132 -16.38 -11.14 -12.70
N HIS B 133 -15.25 -11.32 -12.04
CA HIS B 133 -15.18 -12.29 -10.95
C HIS B 133 -14.16 -11.92 -9.88
N ASP B 134 -14.45 -12.33 -8.65
CA ASP B 134 -13.43 -12.30 -7.60
C ASP B 134 -13.59 -13.59 -6.80
N LYS B 135 -12.97 -13.67 -5.63
CA LYS B 135 -13.04 -14.92 -4.87
C LYS B 135 -14.42 -15.17 -4.23
N THR B 136 -15.31 -14.18 -4.28
CA THR B 136 -16.60 -14.26 -3.61
C THR B 136 -17.73 -14.59 -4.57
N GLY B 137 -17.45 -14.52 -5.87
CA GLY B 137 -18.47 -14.82 -6.86
C GLY B 137 -18.24 -14.13 -8.20
N THR B 138 -19.20 -14.31 -9.10
CA THR B 138 -19.15 -13.68 -10.42
C THR B 138 -20.37 -12.82 -10.60
N MET B 139 -20.26 -11.80 -11.45
CA MET B 139 -21.43 -10.97 -11.77
C MET B 139 -21.15 -10.27 -13.09
N GLU B 140 -22.15 -9.59 -13.63
CA GLU B 140 -21.99 -8.97 -14.94
C GLU B 140 -21.98 -7.46 -14.85
N VAL B 141 -21.16 -6.87 -15.70
CA VAL B 141 -21.03 -5.42 -15.79
C VAL B 141 -21.49 -5.00 -17.18
N LEU B 142 -22.60 -4.25 -17.21
CA LEU B 142 -23.25 -3.81 -18.43
C LEU B 142 -22.72 -2.42 -18.79
N VAL B 143 -22.00 -2.33 -19.90
CA VAL B 143 -21.48 -1.03 -20.34
C VAL B 143 -22.18 -0.51 -21.60
N LEU B 144 -22.84 0.64 -21.48
CA LEU B 144 -23.53 1.29 -22.60
C LEU B 144 -22.59 2.19 -23.40
N GLY B 145 -22.78 2.16 -24.72
CA GLY B 145 -22.08 3.04 -25.63
C GLY B 145 -21.26 2.24 -26.62
N ASN B 146 -20.44 2.92 -27.41
CA ASN B 146 -19.58 2.26 -28.37
C ASN B 146 -18.57 1.42 -27.60
N PRO B 147 -17.86 0.50 -28.30
CA PRO B 147 -16.84 -0.17 -27.50
C PRO B 147 -15.79 0.85 -27.12
N SER B 148 -15.34 0.85 -25.87
CA SER B 148 -14.21 1.66 -25.48
C SER B 148 -13.00 0.78 -25.72
N LYS B 149 -12.76 0.44 -26.99
CA LYS B 149 -11.74 -0.52 -27.39
C LYS B 149 -10.53 0.11 -28.08
N THR B 150 -9.32 -0.15 -27.58
CA THR B 150 -9.10 -0.80 -26.30
C THR B 150 -9.85 -2.09 -26.06
N LYS B 151 -9.69 -3.07 -26.92
CA LYS B 151 -10.36 -4.35 -26.75
C LYS B 151 -9.90 -5.09 -25.50
N CYS B 152 -10.84 -5.66 -24.76
CA CYS B 152 -10.53 -6.25 -23.47
C CYS B 152 -10.61 -7.76 -23.64
N GLU B 153 -9.53 -8.43 -23.27
CA GLU B 153 -9.43 -9.89 -23.34
C GLU B 153 -9.53 -10.50 -21.95
N GLU B 154 -9.77 -11.80 -21.89
CA GLU B 154 -9.87 -12.49 -20.61
C GLU B 154 -8.57 -12.35 -19.83
N GLY B 155 -8.69 -12.07 -18.54
CA GLY B 155 -7.53 -11.86 -17.69
C GLY B 155 -7.21 -10.40 -17.50
N ASP B 156 -7.86 -9.55 -18.28
CA ASP B 156 -7.73 -8.11 -18.10
C ASP B 156 -8.60 -7.62 -16.93
N LYS B 157 -8.53 -6.31 -16.68
CA LYS B 157 -9.34 -5.71 -15.63
C LYS B 157 -10.06 -4.49 -16.16
N ILE B 158 -11.19 -4.16 -15.55
CA ILE B 158 -11.92 -2.93 -15.87
C ILE B 158 -11.96 -1.97 -14.66
N ARG B 159 -11.72 -0.70 -14.95
CA ARG B 159 -11.82 0.39 -14.00
C ARG B 159 -13.20 1.02 -14.10
N LEU B 160 -14.00 0.82 -13.06
CA LEU B 160 -15.32 1.41 -13.00
C LEU B 160 -15.24 2.63 -12.08
N THR B 161 -15.78 3.74 -12.56
CA THR B 161 -15.93 4.92 -11.72
C THR B 161 -17.36 5.37 -11.78
N PHE B 162 -18.00 5.35 -10.61
CA PHE B 162 -19.39 5.75 -10.44
C PHE B 162 -20.37 4.92 -11.28
N PHE B 163 -20.28 3.60 -11.21
CA PHE B 163 -21.32 2.74 -11.80
C PHE B 163 -22.38 2.50 -10.74
N GLU B 164 -23.47 1.84 -11.14
CA GLU B 164 -24.57 1.60 -10.23
C GLU B 164 -24.97 0.14 -10.18
N VAL B 165 -25.43 -0.30 -9.02
CA VAL B 165 -26.10 -1.60 -8.91
C VAL B 165 -27.44 -1.48 -9.67
N SER B 166 -27.78 -2.50 -10.43
CA SER B 166 -28.96 -2.48 -11.32
C SER B 166 -29.67 -3.83 -11.38
N LYS B 167 -30.98 -3.85 -11.62
CA LYS B 167 -31.61 -5.12 -11.94
C LYS B 167 -31.88 -5.24 -13.44
N ASN B 168 -31.50 -6.39 -13.98
CA ASN B 168 -31.90 -6.84 -15.30
C ASN B 168 -32.41 -8.25 -15.21
N GLY B 169 -33.65 -8.49 -15.64
CA GLY B 169 -34.20 -9.83 -15.74
C GLY B 169 -34.23 -10.66 -14.48
N VAL B 170 -34.40 -9.99 -13.34
CA VAL B 170 -34.42 -10.65 -12.04
C VAL B 170 -32.99 -10.76 -11.57
N LYS B 171 -32.07 -10.44 -12.48
CA LYS B 171 -30.66 -10.72 -12.31
C LYS B 171 -29.97 -9.43 -11.93
N ILE B 172 -28.99 -9.49 -11.03
CA ILE B 172 -28.44 -8.22 -10.56
C ILE B 172 -27.04 -7.93 -11.12
N GLN B 173 -26.92 -6.79 -11.80
CA GLN B 173 -25.69 -6.45 -12.49
C GLN B 173 -25.20 -5.07 -12.10
N LEU B 174 -24.13 -4.63 -12.75
CA LEU B 174 -23.64 -3.28 -12.60
C LEU B 174 -23.82 -2.54 -13.94
N LYS B 175 -24.40 -1.35 -13.89
CA LYS B 175 -24.64 -0.61 -15.12
C LYS B 175 -23.90 0.72 -15.11
N SER B 176 -23.39 1.11 -16.28
CA SER B 176 -22.78 2.42 -16.48
C SER B 176 -23.84 3.48 -16.23
N GLY B 177 -23.42 4.63 -15.71
CA GLY B 177 -24.36 5.70 -15.47
C GLY B 177 -24.16 6.89 -16.40
N PRO B 178 -24.86 8.00 -16.13
CA PRO B 178 -24.82 9.21 -16.96
C PRO B 178 -23.44 9.88 -16.99
N CYS B 179 -22.78 10.00 -15.85
CA CYS B 179 -21.47 10.65 -15.76
C CYS B 179 -20.38 9.69 -15.30
N SER B 180 -20.58 8.41 -15.58
CA SER B 180 -19.62 7.36 -15.17
C SER B 180 -18.35 7.28 -16.04
N PHE B 181 -17.28 6.74 -15.47
CA PHE B 181 -16.07 6.44 -16.23
C PHE B 181 -15.87 4.93 -16.35
N PHE B 182 -15.38 4.50 -17.51
CA PHE B 182 -15.10 3.10 -17.77
C PHE B 182 -13.74 3.00 -18.45
N LYS B 183 -12.89 2.09 -18.00
CA LYS B 183 -11.58 1.96 -18.63
C LYS B 183 -11.08 0.51 -18.65
N VAL B 184 -10.44 0.09 -19.74
CA VAL B 184 -9.88 -1.25 -19.78
C VAL B 184 -8.41 -1.21 -19.38
N ILE B 185 -8.04 -2.04 -18.40
CA ILE B 185 -6.66 -2.14 -17.97
C ILE B 185 -6.13 -3.51 -18.40
N LYS B 186 -5.24 -3.52 -19.38
CA LYS B 186 -4.77 -4.76 -20.01
C LYS B 186 -3.68 -5.48 -19.23
N ALA B 187 -3.05 -6.45 -19.88
CA ALA B 187 -2.00 -7.29 -19.28
C ALA B 187 -0.87 -6.47 -18.64
#